data_5YNJ
#
_entry.id   5YNJ
#
_cell.length_a   67.041
_cell.length_b   70.516
_cell.length_c   118.921
_cell.angle_alpha   90.00
_cell.angle_beta   90.00
_cell.angle_gamma   90.00
#
_symmetry.space_group_name_H-M   'P 21 2 21'
#
loop_
_entity.id
_entity.type
_entity.pdbx_description
1 polymer 'nsp16 protein'
2 polymer 'nsp10 protein'
3 non-polymer "7-METHYL-GUANOSINE-5'-TRIPHOSPHATE-5'-GUANOSINE"
4 non-polymer 'ZINC ION'
5 water water
#
loop_
_entity_poly.entity_id
_entity_poly.type
_entity_poly.pdbx_seq_one_letter_code
_entity_poly.pdbx_strand_id
1 'polypeptide(L)'
;ASADWKPGHAMPSLFKVQNVNLERCELANYKQSIPMPRGVHMNIAKYMQLCQYLNTCTLAVPANMRVIHFGAGSDKGIAP
GTSVLRQWLPTDAIIIDNDLNEFVSDADITLFGDCVTVRVGQQVDLVISDMYDPTTKNVTGSNESKALFFTYLCNLINNN
LALGGSVAIKITEHSWSVELYELMGKFAWWTVFCTNANASSSEGFLLGINYLGTIKENIDGGAMHANYIFWRNSTPMNLS
TYSLFDLSKFQLKLKGTPVLQLKESQINELVISLLSQGKLLIRDNDTLSVSTDVLVNTYRKLR
;
A
2 'polypeptide(L)'
;AGSNTEFASNSSVLSLVNFTVDPQKAYLDFVNAGGAPLTNCVKMLTPKTGTGIAISVKPESTADQETYGGASVCLYCRAH
IEHPDVSGVCKYKGKFVQIPAQCVRDPVGFCLSNTPCNVCQYWIGYGCNCDSLRQAALPQ
;
B
#
loop_
_chem_comp.id
_chem_comp.type
_chem_comp.name
_chem_comp.formula
GTG non-polymer 7-METHYL-GUANOSINE-5'-TRIPHOSPHATE-5'-GUANOSINE 'C21 H30 N10 O18 P3 1'
ZN non-polymer 'ZINC ION' 'Zn 2'
#
# COMPACT_ATOMS: atom_id res chain seq x y z
N ALA A 1 -17.96 -21.66 -1.02
CA ALA A 1 -18.37 -20.26 -0.94
C ALA A 1 -17.56 -19.40 -1.89
N SER A 2 -18.23 -18.84 -2.90
CA SER A 2 -17.54 -18.05 -3.91
C SER A 2 -16.96 -16.77 -3.32
N ALA A 3 -17.71 -16.10 -2.43
CA ALA A 3 -17.25 -14.85 -1.87
C ALA A 3 -15.97 -15.00 -1.06
N ASP A 4 -15.69 -16.20 -0.54
CA ASP A 4 -14.46 -16.41 0.20
C ASP A 4 -13.23 -16.34 -0.71
N TRP A 5 -13.40 -16.64 -1.99
CA TRP A 5 -12.30 -16.61 -2.95
C TRP A 5 -12.12 -15.24 -3.60
N LYS A 6 -13.08 -14.34 -3.45
CA LYS A 6 -12.91 -12.97 -3.87
C LYS A 6 -12.03 -12.23 -2.86
N PRO A 7 -11.38 -11.14 -3.28
CA PRO A 7 -10.52 -10.40 -2.35
C PRO A 7 -11.28 -9.69 -1.25
N GLY A 8 -12.59 -9.49 -1.41
CA GLY A 8 -13.37 -8.81 -0.40
C GLY A 8 -14.77 -8.50 -0.92
N HIS A 9 -15.40 -7.51 -0.31
CA HIS A 9 -16.76 -7.11 -0.62
C HIS A 9 -16.80 -5.63 -0.97
N ALA A 10 -17.55 -5.29 -2.01
CA ALA A 10 -17.72 -3.91 -2.45
C ALA A 10 -19.17 -3.50 -2.23
N MET A 11 -19.36 -2.31 -1.65
CA MET A 11 -20.70 -1.80 -1.34
C MET A 11 -21.55 -1.75 -2.61
N PRO A 12 -22.70 -2.42 -2.64
CA PRO A 12 -23.54 -2.43 -3.83
C PRO A 12 -24.48 -1.22 -3.86
N SER A 13 -24.96 -0.92 -5.07
CA SER A 13 -25.94 0.14 -5.24
C SER A 13 -27.21 -0.12 -4.46
N LEU A 14 -27.50 -1.38 -4.14
CA LEU A 14 -28.66 -1.71 -3.31
C LEU A 14 -28.65 -0.92 -2.00
N PHE A 15 -27.48 -0.78 -1.39
CA PHE A 15 -27.38 -0.02 -0.14
C PHE A 15 -27.01 1.44 -0.37
N LYS A 16 -26.43 1.77 -1.52
CA LYS A 16 -26.14 3.16 -1.84
C LYS A 16 -27.41 4.01 -1.88
N VAL A 17 -28.53 3.42 -2.34
CA VAL A 17 -29.75 4.19 -2.56
C VAL A 17 -30.69 4.18 -1.34
N GLN A 18 -30.28 3.56 -0.24
CA GLN A 18 -31.15 3.51 0.93
C GLN A 18 -31.18 4.88 1.61
N ASN A 19 -32.11 5.03 2.56
CA ASN A 19 -32.28 6.27 3.31
C ASN A 19 -32.59 5.88 4.75
N VAL A 20 -31.56 5.83 5.59
CA VAL A 20 -31.67 5.37 6.96
C VAL A 20 -30.88 6.31 7.87
N ASN A 21 -31.16 6.20 9.16
CA ASN A 21 -30.39 6.93 10.16
C ASN A 21 -29.07 6.23 10.41
N LEU A 22 -28.08 7.00 10.88
CA LEU A 22 -26.79 6.42 11.22
C LEU A 22 -26.94 5.60 12.50
N GLU A 23 -26.64 4.31 12.40
CA GLU A 23 -26.77 3.39 13.53
C GLU A 23 -25.39 2.89 13.96
N ARG A 24 -25.38 2.25 15.13
CA ARG A 24 -24.17 1.64 15.63
C ARG A 24 -23.79 0.44 14.76
N CYS A 25 -22.49 0.31 14.47
CA CYS A 25 -22.00 -0.81 13.69
C CYS A 25 -21.73 -1.99 14.62
N GLU A 26 -22.42 -3.10 14.39
CA GLU A 26 -22.28 -4.32 15.19
C GLU A 26 -21.97 -5.47 14.25
N LEU A 27 -20.72 -5.91 14.24
CA LEU A 27 -20.29 -7.04 13.43
C LEU A 27 -20.32 -8.31 14.27
N ALA A 28 -20.89 -9.37 13.72
CA ALA A 28 -21.02 -10.62 14.48
C ALA A 28 -19.65 -11.23 14.79
N ASN A 29 -18.66 -10.98 13.95
CA ASN A 29 -17.32 -11.51 14.14
C ASN A 29 -16.34 -10.42 14.57
N TYR A 30 -16.83 -9.35 15.19
CA TYR A 30 -15.99 -8.19 15.46
C TYR A 30 -14.75 -8.55 16.26
N LYS A 31 -13.61 -7.98 15.84
CA LYS A 31 -12.29 -8.14 16.45
C LYS A 31 -11.71 -9.54 16.30
N GLN A 32 -12.42 -10.48 15.68
CA GLN A 32 -11.85 -11.79 15.43
C GLN A 32 -10.73 -11.69 14.41
N SER A 33 -9.65 -12.42 14.66
CA SER A 33 -8.46 -12.39 13.82
C SER A 33 -8.32 -13.70 13.04
N ILE A 34 -7.72 -13.59 11.87
CA ILE A 34 -7.43 -14.74 11.01
C ILE A 34 -5.90 -14.90 10.97
N PRO A 35 -5.39 -16.11 11.13
CA PRO A 35 -3.93 -16.29 11.07
C PRO A 35 -3.40 -15.92 9.69
N MET A 36 -2.21 -15.33 9.68
CA MET A 36 -1.76 -14.89 8.36
C MET A 36 -0.96 -16.00 7.68
N PRO A 37 -1.15 -16.17 6.37
CA PRO A 37 -0.38 -17.19 5.64
C PRO A 37 1.11 -16.91 5.69
N ARG A 38 1.86 -17.89 6.20
CA ARG A 38 3.32 -17.88 6.26
C ARG A 38 3.88 -16.84 7.23
N GLY A 39 3.20 -16.64 8.37
CA GLY A 39 3.67 -15.67 9.36
C GLY A 39 3.80 -14.26 8.83
N VAL A 40 3.20 -13.98 7.69
CA VAL A 40 3.39 -12.74 6.96
C VAL A 40 2.55 -11.63 7.60
N HIS A 41 3.02 -10.39 7.49
CA HIS A 41 2.29 -9.27 8.09
C HIS A 41 0.87 -9.19 7.56
N MET A 42 -0.07 -8.86 8.46
CA MET A 42 -1.46 -8.75 8.06
C MET A 42 -1.66 -7.67 7.01
N ASN A 43 -0.87 -6.60 7.06
CA ASN A 43 -0.96 -5.55 6.05
C ASN A 43 -0.55 -6.04 4.68
N ILE A 44 0.21 -7.13 4.58
CA ILE A 44 0.48 -7.73 3.29
C ILE A 44 -0.83 -8.22 2.66
N ALA A 45 -1.59 -9.00 3.41
CA ALA A 45 -2.82 -9.57 2.88
C ALA A 45 -3.87 -8.50 2.61
N LYS A 46 -3.92 -7.46 3.43
CA LYS A 46 -4.93 -6.42 3.24
C LYS A 46 -4.63 -5.58 2.00
N TYR A 47 -3.37 -5.20 1.81
CA TYR A 47 -3.02 -4.39 0.64
C TYR A 47 -3.14 -5.20 -0.64
N MET A 48 -2.74 -6.47 -0.61
CA MET A 48 -2.86 -7.30 -1.81
C MET A 48 -4.31 -7.46 -2.23
N GLN A 49 -5.22 -7.66 -1.26
CA GLN A 49 -6.63 -7.79 -1.59
C GLN A 49 -7.20 -6.48 -2.09
N LEU A 50 -6.74 -5.35 -1.56
CA LEU A 50 -7.11 -4.05 -2.11
C LEU A 50 -6.63 -3.92 -3.55
N CYS A 51 -5.39 -4.33 -3.82
CA CYS A 51 -4.87 -4.27 -5.19
C CYS A 51 -5.62 -5.21 -6.11
N GLN A 52 -6.03 -6.38 -5.61
CA GLN A 52 -6.76 -7.33 -6.45
C GLN A 52 -8.11 -6.76 -6.86
N TYR A 53 -8.79 -6.03 -5.97
CA TYR A 53 -10.06 -5.42 -6.37
C TYR A 53 -9.83 -4.29 -7.35
N LEU A 54 -8.77 -3.49 -7.14
CA LEU A 54 -8.44 -2.43 -8.09
C LEU A 54 -8.04 -3.00 -9.44
N ASN A 55 -7.58 -4.25 -9.49
CA ASN A 55 -7.35 -4.91 -10.77
C ASN A 55 -8.63 -5.05 -11.58
N THR A 56 -9.79 -5.05 -10.93
CA THR A 56 -11.07 -5.14 -11.61
C THR A 56 -11.68 -3.78 -11.91
N CYS A 57 -11.02 -2.69 -11.53
CA CYS A 57 -11.50 -1.34 -11.78
C CYS A 57 -10.79 -0.75 -13.00
N THR A 58 -11.38 0.32 -13.54
CA THR A 58 -10.85 0.99 -14.73
C THR A 58 -9.76 1.99 -14.34
N LEU A 59 -8.75 1.48 -13.63
CA LEU A 59 -7.63 2.32 -13.23
C LEU A 59 -6.84 2.78 -14.46
N ALA A 60 -6.44 4.04 -14.46
CA ALA A 60 -5.52 4.54 -15.45
C ALA A 60 -4.10 4.19 -15.02
N VAL A 61 -3.38 3.47 -15.89
CA VAL A 61 -2.03 3.01 -15.57
C VAL A 61 -1.06 3.55 -16.62
N PRO A 62 -0.52 4.74 -16.44
CA PRO A 62 0.41 5.32 -17.42
C PRO A 62 1.85 4.88 -17.14
N ALA A 63 2.72 5.28 -18.06
CA ALA A 63 4.14 5.24 -17.77
C ALA A 63 4.48 6.32 -16.73
N ASN A 64 5.50 6.05 -15.93
CA ASN A 64 5.91 6.97 -14.86
C ASN A 64 4.74 7.30 -13.93
N MET A 65 3.99 6.26 -13.55
CA MET A 65 2.79 6.45 -12.75
C MET A 65 3.12 7.07 -11.39
N ARG A 66 2.33 8.07 -11.00
CA ARG A 66 2.56 8.83 -9.78
C ARG A 66 1.62 8.33 -8.69
N VAL A 67 2.17 7.66 -7.68
CA VAL A 67 1.39 7.09 -6.59
C VAL A 67 1.88 7.70 -5.29
N ILE A 68 0.94 8.17 -4.46
CA ILE A 68 1.24 8.70 -3.14
C ILE A 68 0.51 7.86 -2.11
N HIS A 69 1.21 7.54 -1.01
CA HIS A 69 0.76 6.55 -0.04
C HIS A 69 0.86 7.14 1.36
N PHE A 70 -0.28 7.55 1.93
CA PHE A 70 -0.32 8.13 3.26
C PHE A 70 -0.60 7.06 4.31
N GLY A 71 -0.07 7.28 5.51
CA GLY A 71 -0.20 6.30 6.57
C GLY A 71 0.52 5.00 6.27
N ALA A 72 1.71 5.07 5.68
CA ALA A 72 2.42 3.89 5.22
C ALA A 72 3.24 3.21 6.32
N GLY A 73 3.43 3.86 7.47
CA GLY A 73 4.19 3.28 8.56
C GLY A 73 3.32 2.44 9.46
N SER A 74 3.72 1.19 9.68
CA SER A 74 2.94 0.27 10.49
C SER A 74 3.87 -0.82 11.01
N ASP A 75 3.32 -1.65 11.91
CA ASP A 75 4.02 -2.81 12.45
C ASP A 75 5.37 -2.44 13.06
N LYS A 76 5.43 -1.25 13.66
CA LYS A 76 6.61 -0.76 14.38
C LYS A 76 7.82 -0.66 13.45
N GLY A 77 7.79 0.38 12.60
CA GLY A 77 8.96 0.82 11.89
C GLY A 77 9.10 0.39 10.44
N ILE A 78 8.15 -0.38 9.91
CA ILE A 78 8.27 -0.86 8.53
C ILE A 78 7.10 -0.35 7.70
N ALA A 79 7.01 -0.81 6.44
CA ALA A 79 5.96 -0.39 5.53
C ALA A 79 5.59 -1.54 4.60
N PRO A 80 4.90 -2.56 5.11
CA PRO A 80 4.55 -3.70 4.26
C PRO A 80 3.63 -3.34 3.11
N GLY A 81 2.73 -2.37 3.31
CA GLY A 81 1.84 -1.98 2.23
C GLY A 81 2.57 -1.35 1.07
N THR A 82 3.61 -0.56 1.34
CA THR A 82 4.39 0.05 0.27
C THR A 82 5.11 -1.03 -0.55
N SER A 83 5.62 -2.06 0.11
CA SER A 83 6.27 -3.16 -0.61
C SER A 83 5.27 -3.88 -1.51
N VAL A 84 4.03 -4.07 -1.03
CA VAL A 84 2.99 -4.67 -1.87
C VAL A 84 2.72 -3.76 -3.07
N LEU A 85 2.68 -2.44 -2.85
CA LEU A 85 2.52 -1.51 -3.96
C LEU A 85 3.65 -1.66 -4.97
N ARG A 86 4.89 -1.87 -4.48
CA ARG A 86 6.01 -2.10 -5.38
C ARG A 86 5.84 -3.40 -6.16
N GLN A 87 5.28 -4.43 -5.51
CA GLN A 87 5.04 -5.70 -6.19
C GLN A 87 3.91 -5.58 -7.21
N TRP A 88 2.98 -4.66 -6.98
CA TRP A 88 1.76 -4.53 -7.79
C TRP A 88 1.93 -3.58 -8.96
N LEU A 89 2.54 -2.42 -8.73
CA LEU A 89 2.62 -1.36 -9.72
C LEU A 89 3.66 -1.67 -10.79
N PRO A 90 3.60 -0.96 -11.93
CA PRO A 90 4.66 -1.09 -12.93
C PRO A 90 6.01 -0.70 -12.34
N THR A 91 7.07 -1.27 -12.92
CA THR A 91 8.42 -1.05 -12.38
C THR A 91 8.83 0.42 -12.48
N ASP A 92 8.28 1.16 -13.44
CA ASP A 92 8.63 2.56 -13.63
C ASP A 92 7.73 3.51 -12.84
N ALA A 93 6.84 2.98 -11.99
CA ALA A 93 5.96 3.84 -11.22
C ALA A 93 6.73 4.52 -10.08
N ILE A 94 6.32 5.74 -9.75
CA ILE A 94 6.92 6.52 -8.68
C ILE A 94 6.04 6.40 -7.45
N ILE A 95 6.59 5.91 -6.35
CA ILE A 95 5.87 5.75 -5.09
C ILE A 95 6.41 6.74 -4.09
N ILE A 96 5.52 7.58 -3.56
CA ILE A 96 5.84 8.49 -2.46
C ILE A 96 4.98 8.07 -1.27
N ASP A 97 5.62 7.77 -0.15
CA ASP A 97 4.85 7.41 1.04
C ASP A 97 5.19 8.34 2.19
N ASN A 98 4.35 8.29 3.22
CA ASN A 98 4.45 9.24 4.32
C ASN A 98 3.71 8.70 5.53
N ASP A 99 4.24 8.98 6.71
CA ASP A 99 3.54 8.74 7.96
C ASP A 99 4.13 9.68 9.02
N LEU A 100 3.56 9.62 10.22
CA LEU A 100 3.96 10.57 11.27
C LEU A 100 5.37 10.30 11.77
N ASN A 101 5.69 9.05 12.08
CA ASN A 101 6.95 8.70 12.69
C ASN A 101 7.88 8.03 11.69
N GLU A 102 9.11 7.79 12.14
CA GLU A 102 10.15 7.24 11.27
C GLU A 102 9.84 5.79 10.91
N PHE A 103 10.15 5.42 9.67
CA PHE A 103 10.00 4.04 9.22
C PHE A 103 10.87 3.83 7.99
N VAL A 104 11.14 2.56 7.69
CA VAL A 104 11.94 2.16 6.55
C VAL A 104 11.00 1.60 5.49
N SER A 105 11.20 2.01 4.24
CA SER A 105 10.23 1.70 3.19
C SER A 105 10.93 1.53 1.86
N ASP A 106 10.26 0.80 0.95
CA ASP A 106 10.74 0.57 -0.40
C ASP A 106 10.22 1.61 -1.39
N ALA A 107 9.74 2.75 -0.90
CA ALA A 107 9.24 3.79 -1.79
C ALA A 107 10.40 4.57 -2.40
N ASP A 108 10.10 5.28 -3.49
CA ASP A 108 11.10 6.17 -4.09
C ASP A 108 11.37 7.37 -3.18
N ILE A 109 10.32 7.93 -2.59
CA ILE A 109 10.43 9.07 -1.68
C ILE A 109 9.68 8.72 -0.39
N THR A 110 10.29 8.99 0.75
CA THR A 110 9.67 8.74 2.05
C THR A 110 9.77 10.01 2.89
N LEU A 111 8.62 10.52 3.32
CA LEU A 111 8.55 11.77 4.07
C LEU A 111 7.93 11.50 5.44
N PHE A 112 8.59 11.97 6.49
CA PHE A 112 8.10 11.79 7.86
C PHE A 112 7.41 13.07 8.33
N GLY A 113 6.37 12.91 9.13
CA GLY A 113 5.62 14.01 9.68
C GLY A 113 4.15 13.95 9.30
N ASP A 114 3.43 14.97 9.75
CA ASP A 114 2.00 15.08 9.43
C ASP A 114 1.79 15.15 7.93
N CYS A 115 0.66 14.61 7.48
CA CYS A 115 0.37 14.61 6.05
C CYS A 115 0.27 16.01 5.48
N VAL A 116 -0.02 17.01 6.32
CA VAL A 116 -0.07 18.40 5.86
C VAL A 116 1.31 18.86 5.40
N THR A 117 2.37 18.31 5.99
CA THR A 117 3.73 18.67 5.59
C THR A 117 4.09 18.14 4.20
N VAL A 118 3.26 17.28 3.61
CA VAL A 118 3.55 16.71 2.30
C VAL A 118 3.03 17.68 1.24
N ARG A 119 3.95 18.40 0.61
CA ARG A 119 3.62 19.38 -0.42
C ARG A 119 3.74 18.73 -1.78
N VAL A 120 2.62 18.61 -2.49
CA VAL A 120 2.57 17.99 -3.81
C VAL A 120 2.55 19.11 -4.84
N GLY A 121 3.68 19.30 -5.53
CA GLY A 121 3.78 20.38 -6.50
C GLY A 121 2.95 20.15 -7.75
N GLN A 122 2.82 18.90 -8.17
CA GLN A 122 2.08 18.59 -9.40
C GLN A 122 0.85 17.75 -9.08
N GLN A 123 0.34 17.01 -10.06
CA GLN A 123 -0.82 16.15 -9.87
C GLN A 123 -0.40 14.68 -9.97
N VAL A 124 -1.07 13.83 -9.20
CA VAL A 124 -0.71 12.42 -9.10
C VAL A 124 -1.82 11.58 -9.72
N ASP A 125 -1.51 10.29 -9.91
CA ASP A 125 -2.41 9.37 -10.59
C ASP A 125 -3.21 8.47 -9.65
N LEU A 126 -2.67 8.20 -8.46
CA LEU A 126 -3.31 7.27 -7.54
C LEU A 126 -2.96 7.66 -6.11
N VAL A 127 -3.97 7.74 -5.25
CA VAL A 127 -3.77 8.10 -3.85
C VAL A 127 -4.27 6.94 -2.99
N ILE A 128 -3.37 6.40 -2.17
CA ILE A 128 -3.72 5.38 -1.18
C ILE A 128 -3.52 5.99 0.20
N SER A 129 -4.53 5.86 1.06
CA SER A 129 -4.47 6.38 2.41
C SER A 129 -4.91 5.31 3.39
N ASP A 130 -4.01 4.93 4.30
CA ASP A 130 -4.35 4.09 5.44
C ASP A 130 -4.31 4.87 6.74
N MET A 131 -4.47 6.20 6.67
CA MET A 131 -4.37 7.03 7.86
C MET A 131 -5.56 6.81 8.77
N TYR A 132 -5.28 6.79 10.07
CA TYR A 132 -6.31 6.68 11.11
C TYR A 132 -5.78 7.37 12.35
N ASP A 133 -6.57 8.29 12.90
CA ASP A 133 -6.15 9.03 14.09
C ASP A 133 -6.51 8.25 15.35
N PRO A 134 -5.54 8.00 16.25
CA PRO A 134 -5.86 7.22 17.45
C PRO A 134 -6.93 7.84 18.33
N THR A 135 -7.09 9.17 18.31
CA THR A 135 -8.12 9.81 19.12
C THR A 135 -9.53 9.42 18.69
N THR A 136 -9.70 8.88 17.47
CA THR A 136 -11.00 8.39 17.05
C THR A 136 -11.52 7.28 17.95
N LYS A 137 -10.63 6.57 18.64
CA LYS A 137 -11.05 5.52 19.56
C LYS A 137 -11.75 6.08 20.80
N ASN A 138 -11.59 7.38 21.08
CA ASN A 138 -12.22 8.01 22.24
C ASN A 138 -13.66 8.38 21.88
N VAL A 139 -14.49 7.37 21.72
CA VAL A 139 -15.89 7.56 21.39
C VAL A 139 -16.61 8.10 22.62
N THR A 140 -17.08 9.35 22.54
CA THR A 140 -17.75 10.00 23.66
C THR A 140 -19.23 10.24 23.32
N GLY A 141 -19.51 11.15 22.40
CA GLY A 141 -20.87 11.48 22.01
C GLY A 141 -21.31 10.75 20.76
N SER A 142 -22.18 11.40 19.99
CA SER A 142 -22.66 10.82 18.75
C SER A 142 -21.54 10.75 17.72
N ASN A 143 -21.75 9.92 16.70
CA ASN A 143 -20.76 9.71 15.64
C ASN A 143 -20.96 10.79 14.59
N GLU A 144 -20.14 11.83 14.66
CA GLU A 144 -20.22 12.96 13.75
C GLU A 144 -19.13 12.87 12.69
N SER A 145 -19.33 13.63 11.61
CA SER A 145 -18.30 13.74 10.58
C SER A 145 -17.02 14.30 11.19
N LYS A 146 -15.89 13.75 10.77
CA LYS A 146 -14.60 14.11 11.31
C LYS A 146 -13.80 14.94 10.30
N ALA A 147 -13.00 15.87 10.82
CA ALA A 147 -12.08 16.65 10.01
C ALA A 147 -10.75 15.92 9.92
N LEU A 148 -9.86 16.17 10.87
CA LEU A 148 -8.59 15.45 11.02
C LEU A 148 -7.82 15.54 9.70
N PHE A 149 -7.32 14.45 9.15
CA PHE A 149 -6.59 14.44 7.89
C PHE A 149 -7.50 14.48 6.67
N PHE A 150 -8.82 14.33 6.86
CA PHE A 150 -9.72 14.33 5.71
C PHE A 150 -9.77 15.70 5.04
N THR A 151 -9.60 16.77 5.80
CA THR A 151 -9.54 18.11 5.19
C THR A 151 -8.41 18.19 4.18
N TYR A 152 -7.24 17.64 4.54
CA TYR A 152 -6.11 17.60 3.62
C TYR A 152 -6.41 16.73 2.40
N LEU A 153 -7.03 15.56 2.62
CA LEU A 153 -7.28 14.65 1.51
C LEU A 153 -8.31 15.23 0.54
N CYS A 154 -9.33 15.92 1.07
CA CYS A 154 -10.33 16.52 0.20
C CYS A 154 -9.72 17.61 -0.67
N ASN A 155 -8.84 18.43 -0.09
CA ASN A 155 -8.18 19.46 -0.88
C ASN A 155 -7.24 18.85 -1.91
N LEU A 156 -6.63 17.71 -1.59
CA LEU A 156 -5.77 17.03 -2.56
C LEU A 156 -6.56 16.58 -3.77
N ILE A 157 -7.73 15.98 -3.54
CA ILE A 157 -8.56 15.51 -4.64
C ILE A 157 -8.95 16.66 -5.56
N ASN A 158 -9.29 17.81 -4.98
CA ASN A 158 -9.75 18.95 -5.77
C ASN A 158 -8.63 19.69 -6.48
N ASN A 159 -7.37 19.47 -6.11
CA ASN A 159 -6.29 20.29 -6.66
C ASN A 159 -5.12 19.49 -7.22
N ASN A 160 -4.77 18.36 -6.60
CA ASN A 160 -3.54 17.65 -6.94
C ASN A 160 -3.79 16.24 -7.46
N LEU A 161 -4.98 15.98 -7.97
CA LEU A 161 -5.34 14.68 -8.53
C LEU A 161 -5.62 14.85 -10.02
N ALA A 162 -4.97 14.04 -10.84
CA ALA A 162 -5.19 14.10 -12.27
C ALA A 162 -6.61 13.68 -12.63
N LEU A 163 -7.16 14.32 -13.66
CA LEU A 163 -8.41 13.83 -14.24
C LEU A 163 -8.19 12.41 -14.77
N GLY A 164 -9.05 11.49 -14.35
CA GLY A 164 -8.82 10.08 -14.59
C GLY A 164 -8.08 9.37 -13.48
N GLY A 165 -7.48 10.10 -12.55
CA GLY A 165 -6.86 9.48 -11.40
C GLY A 165 -7.88 8.91 -10.43
N SER A 166 -7.39 8.15 -9.47
CA SER A 166 -8.27 7.44 -8.56
C SER A 166 -7.68 7.45 -7.15
N VAL A 167 -8.55 7.27 -6.16
CA VAL A 167 -8.16 7.29 -4.76
C VAL A 167 -8.70 6.06 -4.05
N ALA A 168 -8.00 5.66 -2.99
CA ALA A 168 -8.43 4.59 -2.09
C ALA A 168 -8.12 5.06 -0.67
N ILE A 169 -9.14 5.42 0.09
CA ILE A 169 -8.97 6.09 1.37
C ILE A 169 -9.67 5.26 2.45
N LYS A 170 -8.91 4.86 3.46
CA LYS A 170 -9.44 4.02 4.53
C LYS A 170 -10.37 4.80 5.43
N ILE A 171 -11.53 4.22 5.72
CA ILE A 171 -12.49 4.76 6.67
C ILE A 171 -12.92 3.66 7.60
N THR A 172 -13.47 4.05 8.75
CA THR A 172 -14.06 3.09 9.67
C THR A 172 -15.44 3.60 10.09
N GLU A 173 -16.04 2.99 11.10
CA GLU A 173 -17.34 3.45 11.57
C GLU A 173 -17.27 4.88 12.08
N HIS A 174 -16.21 5.21 12.85
CA HIS A 174 -16.06 6.53 13.42
C HIS A 174 -15.03 7.39 12.72
N SER A 175 -14.18 6.82 11.86
CA SER A 175 -13.20 7.58 11.10
C SER A 175 -13.75 7.75 9.69
N TRP A 176 -14.47 8.86 9.48
CA TRP A 176 -15.12 9.11 8.21
C TRP A 176 -15.34 10.61 8.06
N SER A 177 -15.75 11.01 6.86
CA SER A 177 -15.91 12.43 6.55
C SER A 177 -17.07 12.62 5.59
N VAL A 178 -17.95 13.57 5.91
CA VAL A 178 -19.04 13.91 4.99
C VAL A 178 -18.48 14.42 3.67
N GLU A 179 -17.52 15.34 3.76
CA GLU A 179 -16.99 15.99 2.56
C GLU A 179 -16.35 14.98 1.61
N LEU A 180 -15.67 13.97 2.16
CA LEU A 180 -15.01 12.99 1.31
C LEU A 180 -16.03 12.13 0.56
N TYR A 181 -17.11 11.72 1.24
CA TYR A 181 -18.18 10.99 0.57
C TYR A 181 -18.75 11.78 -0.60
N GLU A 182 -19.00 13.08 -0.39
CA GLU A 182 -19.57 13.92 -1.44
C GLU A 182 -18.59 14.09 -2.60
N LEU A 183 -17.28 14.05 -2.33
CA LEU A 183 -16.30 14.14 -3.41
C LEU A 183 -16.32 12.91 -4.30
N MET A 184 -16.78 11.76 -3.78
CA MET A 184 -16.91 10.57 -4.63
C MET A 184 -17.85 10.81 -5.80
N GLY A 185 -18.76 11.79 -5.69
CA GLY A 185 -19.64 12.13 -6.79
C GLY A 185 -18.96 12.83 -7.96
N LYS A 186 -17.69 13.19 -7.80
CA LYS A 186 -16.90 13.79 -8.87
C LYS A 186 -16.05 12.78 -9.61
N PHE A 187 -16.21 11.50 -9.32
CA PHE A 187 -15.55 10.42 -10.03
C PHE A 187 -16.55 9.71 -10.94
N ALA A 188 -16.01 8.97 -11.91
CA ALA A 188 -16.85 8.18 -12.80
C ALA A 188 -17.61 7.10 -12.03
N TRP A 189 -17.00 6.56 -10.97
CA TRP A 189 -17.61 5.51 -10.18
C TRP A 189 -16.97 5.52 -8.80
N TRP A 190 -17.69 4.95 -7.83
CA TRP A 190 -17.23 4.93 -6.45
C TRP A 190 -17.83 3.73 -5.74
N THR A 191 -17.18 3.33 -4.65
CA THR A 191 -17.69 2.27 -3.77
C THR A 191 -16.87 2.31 -2.48
N VAL A 192 -17.22 1.43 -1.55
CA VAL A 192 -16.40 1.12 -0.40
C VAL A 192 -16.04 -0.36 -0.48
N PHE A 193 -14.75 -0.65 -0.38
CA PHE A 193 -14.25 -2.02 -0.47
C PHE A 193 -13.71 -2.46 0.89
N CYS A 194 -14.16 -3.63 1.34
CA CYS A 194 -13.72 -4.22 2.59
C CYS A 194 -13.00 -5.53 2.29
N THR A 195 -11.72 -5.59 2.65
CA THR A 195 -10.95 -6.81 2.41
C THR A 195 -11.51 -7.96 3.23
N ASN A 196 -11.38 -9.17 2.70
CA ASN A 196 -11.77 -10.36 3.44
C ASN A 196 -10.78 -10.67 4.56
N ALA A 197 -9.53 -10.22 4.41
CA ALA A 197 -8.53 -10.47 5.44
C ALA A 197 -8.86 -9.70 6.72
N ASN A 198 -9.56 -8.58 6.61
CA ASN A 198 -9.94 -7.77 7.77
C ASN A 198 -11.44 -7.54 7.79
N ALA A 199 -12.20 -8.57 7.39
CA ALA A 199 -13.66 -8.45 7.33
C ALA A 199 -14.28 -8.26 8.70
N SER A 200 -13.59 -8.63 9.77
CA SER A 200 -14.11 -8.46 11.12
C SER A 200 -14.05 -7.02 11.62
N SER A 201 -13.54 -6.10 10.81
CA SER A 201 -13.43 -4.70 11.17
C SER A 201 -14.43 -3.88 10.36
N SER A 202 -14.87 -2.76 10.94
CA SER A 202 -15.68 -1.82 10.18
C SER A 202 -14.86 -1.02 9.19
N GLU A 203 -13.56 -1.29 9.12
CA GLU A 203 -12.69 -0.62 8.16
C GLU A 203 -13.18 -0.88 6.73
N GLY A 204 -13.08 0.14 5.90
CA GLY A 204 -13.33 0.01 4.48
C GLY A 204 -12.51 1.05 3.74
N PHE A 205 -12.24 0.75 2.48
CA PHE A 205 -11.50 1.66 1.62
C PHE A 205 -12.49 2.36 0.69
N LEU A 206 -12.73 3.64 0.95
CA LEU A 206 -13.54 4.46 0.07
C LEU A 206 -12.80 4.66 -1.25
N LEU A 207 -13.37 4.14 -2.33
CA LEU A 207 -12.74 4.19 -3.64
C LEU A 207 -13.43 5.21 -4.53
N GLY A 208 -12.65 6.12 -5.09
CA GLY A 208 -13.14 6.95 -6.17
C GLY A 208 -12.36 6.62 -7.43
N ILE A 209 -13.06 6.14 -8.47
CA ILE A 209 -12.40 5.63 -9.67
C ILE A 209 -12.60 6.63 -10.80
N ASN A 210 -11.48 7.13 -11.36
CA ASN A 210 -11.45 8.05 -12.49
C ASN A 210 -12.03 9.41 -12.13
N TYR A 211 -11.18 10.33 -11.70
CA TYR A 211 -11.64 11.66 -11.29
C TYR A 211 -12.05 12.47 -12.51
N LEU A 212 -13.23 13.09 -12.44
CA LEU A 212 -13.77 13.87 -13.54
C LEU A 212 -13.75 15.37 -13.30
N GLY A 213 -13.45 15.82 -12.08
CA GLY A 213 -13.42 17.24 -11.77
C GLY A 213 -14.77 17.93 -11.78
N THR A 214 -15.86 17.21 -12.03
CA THR A 214 -17.19 17.79 -12.06
C THR A 214 -18.15 16.83 -11.37
N ILE A 215 -19.25 17.39 -10.86
CA ILE A 215 -20.21 16.60 -10.08
C ILE A 215 -21.00 15.71 -11.04
N LYS A 216 -20.82 14.39 -10.90
CA LYS A 216 -21.58 13.41 -11.66
C LYS A 216 -22.73 12.83 -10.85
N GLU A 217 -22.53 12.61 -9.56
CA GLU A 217 -23.57 12.10 -8.66
C GLU A 217 -23.65 13.01 -7.45
N ASN A 218 -24.85 13.49 -7.14
CA ASN A 218 -25.07 14.27 -5.94
C ASN A 218 -25.21 13.33 -4.75
N ILE A 219 -24.30 13.43 -3.80
CA ILE A 219 -24.22 12.50 -2.67
C ILE A 219 -24.42 13.28 -1.38
N ASP A 220 -25.33 12.80 -0.54
CA ASP A 220 -25.44 13.26 0.84
C ASP A 220 -24.44 12.47 1.67
N GLY A 221 -23.35 13.12 2.06
CA GLY A 221 -22.25 12.41 2.70
C GLY A 221 -22.65 11.73 3.99
N GLY A 222 -23.36 12.46 4.87
CA GLY A 222 -23.81 11.87 6.11
C GLY A 222 -24.75 10.70 5.90
N ALA A 223 -25.71 10.86 4.99
CA ALA A 223 -26.64 9.76 4.70
C ALA A 223 -25.94 8.57 4.07
N MET A 224 -24.86 8.80 3.31
CA MET A 224 -24.18 7.70 2.65
C MET A 224 -23.37 6.87 3.62
N HIS A 225 -22.81 7.49 4.67
CA HIS A 225 -22.10 6.73 5.68
C HIS A 225 -23.08 5.87 6.48
N ALA A 226 -24.28 6.39 6.74
CA ALA A 226 -25.31 5.58 7.37
C ALA A 226 -25.65 4.38 6.51
N ASN A 227 -25.69 4.56 5.19
CA ASN A 227 -25.89 3.44 4.28
C ASN A 227 -24.72 2.47 4.33
N TYR A 228 -23.50 2.98 4.48
CA TYR A 228 -22.34 2.11 4.61
C TYR A 228 -22.45 1.24 5.85
N ILE A 229 -22.80 1.84 6.99
CA ILE A 229 -22.96 1.07 8.23
C ILE A 229 -24.13 0.10 8.10
N PHE A 230 -25.23 0.54 7.49
CA PHE A 230 -26.36 -0.35 7.25
C PHE A 230 -25.95 -1.55 6.43
N TRP A 231 -25.08 -1.35 5.44
CA TRP A 231 -24.59 -2.45 4.61
C TRP A 231 -23.74 -3.42 5.43
N ARG A 232 -22.80 -2.88 6.23
CA ARG A 232 -21.97 -3.74 7.06
C ARG A 232 -22.81 -4.53 8.05
N ASN A 233 -23.83 -3.90 8.64
CA ASN A 233 -24.69 -4.58 9.60
C ASN A 233 -25.58 -5.62 8.95
N SER A 234 -25.76 -5.57 7.63
CA SER A 234 -26.65 -6.47 6.92
C SER A 234 -25.92 -7.57 6.16
N THR A 235 -24.60 -7.51 6.07
CA THR A 235 -23.85 -8.37 5.15
C THR A 235 -22.86 -9.25 5.89
N PRO A 236 -23.11 -10.56 5.99
CA PRO A 236 -22.09 -11.46 6.55
C PRO A 236 -20.85 -11.50 5.68
N MET A 237 -19.70 -11.27 6.30
CA MET A 237 -18.41 -11.41 5.62
C MET A 237 -17.49 -12.25 6.50
N ASN A 238 -17.04 -13.37 5.97
CA ASN A 238 -16.16 -14.27 6.71
C ASN A 238 -14.70 -13.94 6.42
N LEU A 239 -13.87 -14.01 7.46
CA LEU A 239 -12.44 -13.79 7.29
C LEU A 239 -11.88 -14.82 6.33
N SER A 240 -11.06 -14.36 5.38
CA SER A 240 -10.52 -15.25 4.37
C SER A 240 -9.37 -14.56 3.64
N THR A 241 -8.37 -15.36 3.27
CA THR A 241 -7.32 -14.93 2.35
C THR A 241 -7.23 -15.87 1.15
N TYR A 242 -8.30 -16.62 0.87
CA TYR A 242 -8.31 -17.55 -0.26
C TYR A 242 -7.93 -16.88 -1.57
N SER A 243 -8.26 -15.59 -1.73
CA SER A 243 -7.94 -14.89 -2.96
C SER A 243 -6.44 -14.80 -3.21
N LEU A 244 -5.63 -14.91 -2.15
CA LEU A 244 -4.19 -14.87 -2.28
C LEU A 244 -3.59 -16.24 -2.57
N PHE A 245 -4.41 -17.27 -2.75
CA PHE A 245 -3.88 -18.61 -3.02
C PHE A 245 -3.35 -18.73 -4.44
N ASP A 246 -3.88 -17.94 -5.36
CA ASP A 246 -3.44 -17.93 -6.76
C ASP A 246 -3.09 -16.49 -7.12
N LEU A 247 -1.79 -16.20 -7.21
CA LEU A 247 -1.29 -14.86 -7.48
C LEU A 247 -0.73 -14.74 -8.89
N SER A 248 -1.14 -15.62 -9.81
CA SER A 248 -0.58 -15.62 -11.16
C SER A 248 -0.92 -14.35 -11.94
N LYS A 249 -1.96 -13.63 -11.55
CA LYS A 249 -2.39 -12.43 -12.27
C LYS A 249 -2.49 -11.25 -11.31
N PHE A 250 -1.60 -11.18 -10.33
CA PHE A 250 -1.71 -10.13 -9.31
C PHE A 250 -1.26 -8.78 -9.82
N GLN A 251 -0.23 -8.74 -10.68
CA GLN A 251 0.37 -7.48 -11.08
C GLN A 251 -0.64 -6.61 -11.83
N LEU A 252 -0.55 -5.29 -11.61
CA LEU A 252 -1.41 -4.35 -12.31
C LEU A 252 -1.15 -4.39 -13.81
N LYS A 253 -2.22 -4.44 -14.58
CA LYS A 253 -2.10 -4.52 -16.04
C LYS A 253 -1.35 -3.31 -16.58
N LEU A 254 -0.35 -3.57 -17.42
CA LEU A 254 0.44 -2.52 -18.06
C LEU A 254 -0.40 -1.92 -19.17
N LYS A 255 -1.23 -0.94 -18.82
CA LYS A 255 -2.21 -0.40 -19.76
C LYS A 255 -1.64 0.65 -20.69
N GLY A 256 -0.52 1.26 -20.35
CA GLY A 256 0.03 2.33 -21.16
C GLY A 256 -0.94 3.48 -21.37
N THR A 257 -1.62 3.89 -20.31
CA THR A 257 -2.63 4.93 -20.42
C THR A 257 -1.98 6.26 -20.81
N PRO A 258 -2.46 6.93 -21.85
CA PRO A 258 -1.85 8.20 -22.26
C PRO A 258 -2.14 9.31 -21.27
N VAL A 259 -1.19 10.25 -21.20
CA VAL A 259 -1.32 11.46 -20.37
C VAL A 259 -1.37 12.65 -21.32
N LEU A 260 -2.41 13.47 -21.19
CA LEU A 260 -2.64 14.58 -22.09
C LEU A 260 -2.84 15.86 -21.31
N GLN A 261 -2.40 16.97 -21.90
CA GLN A 261 -2.64 18.30 -21.34
C GLN A 261 -3.77 18.96 -22.12
N LEU A 262 -4.83 19.33 -21.43
CA LEU A 262 -5.99 19.95 -22.06
C LEU A 262 -6.51 21.09 -21.19
N LYS A 263 -6.97 22.15 -21.85
CA LYS A 263 -7.71 23.18 -21.15
C LYS A 263 -9.08 22.65 -20.76
N GLU A 264 -9.66 23.24 -19.71
CA GLU A 264 -10.97 22.81 -19.25
C GLU A 264 -12.03 22.98 -20.34
N SER A 265 -11.90 24.02 -21.16
CA SER A 265 -12.87 24.25 -22.23
C SER A 265 -12.79 23.16 -23.29
N GLN A 266 -11.63 22.55 -23.47
CA GLN A 266 -11.46 21.50 -24.48
C GLN A 266 -12.03 20.16 -24.04
N ILE A 267 -12.41 20.01 -22.78
CA ILE A 267 -12.94 18.75 -22.26
C ILE A 267 -14.37 18.59 -22.76
N ASN A 268 -14.60 17.60 -23.60
CA ASN A 268 -15.91 17.35 -24.19
C ASN A 268 -16.39 15.94 -23.81
N GLU A 269 -17.42 15.47 -24.52
CA GLU A 269 -18.01 14.18 -24.23
C GLU A 269 -17.02 13.04 -24.46
N LEU A 270 -16.24 13.13 -25.53
CA LEU A 270 -15.25 12.10 -25.81
C LEU A 270 -14.21 12.02 -24.70
N VAL A 271 -13.73 13.17 -24.24
CA VAL A 271 -12.73 13.19 -23.16
C VAL A 271 -13.32 12.60 -21.89
N ILE A 272 -14.53 13.04 -21.52
CA ILE A 272 -15.18 12.51 -20.33
C ILE A 272 -15.37 11.00 -20.45
N SER A 273 -15.77 10.53 -21.63
CA SER A 273 -15.94 9.10 -21.84
C SER A 273 -14.62 8.35 -21.69
N LEU A 274 -13.55 8.89 -22.26
CA LEU A 274 -12.25 8.24 -22.14
C LEU A 274 -11.76 8.25 -20.70
N LEU A 275 -11.93 9.37 -19.99
CA LEU A 275 -11.56 9.43 -18.58
C LEU A 275 -12.34 8.40 -17.77
N SER A 276 -13.63 8.24 -18.06
CA SER A 276 -14.48 7.33 -17.30
C SER A 276 -14.15 5.86 -17.56
N GLN A 277 -13.47 5.56 -18.67
CA GLN A 277 -13.11 4.20 -19.02
C GLN A 277 -11.70 3.82 -18.58
N GLY A 278 -11.00 4.71 -17.86
CA GLY A 278 -9.62 4.45 -17.52
C GLY A 278 -8.66 4.49 -18.68
N LYS A 279 -9.03 5.19 -19.76
CA LYS A 279 -8.23 5.23 -20.98
C LYS A 279 -7.48 6.54 -21.16
N LEU A 280 -7.56 7.46 -20.20
CA LEU A 280 -6.97 8.78 -20.39
C LEU A 280 -6.70 9.42 -19.03
N LEU A 281 -5.58 10.14 -18.95
CA LEU A 281 -5.27 11.00 -17.82
C LEU A 281 -5.02 12.41 -18.34
N ILE A 282 -5.48 13.40 -17.59
CA ILE A 282 -5.24 14.80 -17.91
C ILE A 282 -4.50 15.43 -16.75
N ARG A 283 -3.24 15.79 -16.99
CA ARG A 283 -2.41 16.46 -15.99
C ARG A 283 -1.14 16.93 -16.69
N ASP A 284 -0.25 17.55 -15.93
CA ASP A 284 1.05 17.91 -16.43
C ASP A 284 1.88 16.65 -16.71
N ASN A 285 2.88 16.80 -17.58
CA ASN A 285 3.89 15.76 -17.73
C ASN A 285 5.27 16.34 -17.43
N ASP A 286 5.36 17.13 -16.35
CA ASP A 286 6.64 17.61 -15.87
C ASP A 286 7.37 16.48 -15.14
N THR A 287 8.38 16.84 -14.36
CA THR A 287 9.02 15.90 -13.46
C THR A 287 8.39 16.05 -12.07
N LEU A 288 7.97 14.93 -11.49
CA LEU A 288 7.28 14.98 -10.21
C LEU A 288 8.19 15.54 -9.13
N SER A 289 7.65 16.46 -8.34
CA SER A 289 8.40 17.10 -7.26
C SER A 289 7.49 17.21 -6.05
N VAL A 290 7.72 16.35 -5.05
CA VAL A 290 6.95 16.36 -3.81
C VAL A 290 7.94 16.39 -2.66
N SER A 291 7.89 17.46 -1.86
CA SER A 291 8.86 17.71 -0.81
C SER A 291 8.14 17.94 0.51
N THR A 292 8.92 18.19 1.56
CA THR A 292 8.39 18.53 2.87
C THR A 292 8.36 20.05 3.01
N ASP A 293 7.20 20.58 3.40
CA ASP A 293 7.04 22.01 3.58
C ASP A 293 7.09 22.40 5.06
N PHE B 7 10.24 -7.65 18.80
CA PHE B 7 10.08 -7.09 20.14
C PHE B 7 11.09 -5.99 20.41
N ALA B 8 11.43 -5.80 21.68
CA ALA B 8 12.49 -4.87 22.04
C ALA B 8 13.88 -5.42 21.74
N SER B 9 13.99 -6.67 21.29
CA SER B 9 15.28 -7.23 20.93
C SER B 9 15.77 -6.70 19.58
N ASN B 10 14.85 -6.37 18.67
CA ASN B 10 15.25 -5.76 17.41
C ASN B 10 15.94 -4.43 17.66
N SER B 11 15.33 -3.57 18.48
CA SER B 11 15.95 -2.30 18.84
C SER B 11 17.26 -2.49 19.59
N SER B 12 17.45 -3.65 20.24
CA SER B 12 18.70 -3.91 20.94
C SER B 12 19.85 -4.13 19.95
N VAL B 13 19.67 -5.08 19.02
CA VAL B 13 20.74 -5.36 18.06
C VAL B 13 20.87 -4.22 17.07
N LEU B 14 19.77 -3.52 16.75
CA LEU B 14 19.87 -2.36 15.87
C LEU B 14 20.62 -1.23 16.53
N SER B 15 20.51 -1.11 17.86
CA SER B 15 21.32 -0.13 18.58
C SER B 15 22.76 -0.58 18.72
N LEU B 16 23.00 -1.89 18.72
CA LEU B 16 24.36 -2.40 18.89
C LEU B 16 25.25 -2.04 17.71
N VAL B 17 24.69 -2.08 16.50
CA VAL B 17 25.48 -1.84 15.29
C VAL B 17 25.72 -0.34 15.13
N ASN B 18 25.18 0.45 16.05
CA ASN B 18 25.51 1.87 16.12
C ASN B 18 26.76 2.15 16.95
N PHE B 19 27.26 1.14 17.68
CA PHE B 19 28.44 1.29 18.53
C PHE B 19 29.68 0.66 17.90
N THR B 20 29.74 0.60 16.58
CA THR B 20 30.81 -0.12 15.90
C THR B 20 31.22 0.60 14.63
N VAL B 21 32.44 0.31 14.18
CA VAL B 21 32.95 0.82 12.92
C VAL B 21 32.67 -0.14 11.76
N ASP B 22 32.33 -1.40 12.05
CA ASP B 22 32.01 -2.40 11.03
C ASP B 22 30.67 -3.01 11.37
N PRO B 23 29.56 -2.41 10.90
CA PRO B 23 28.24 -2.94 11.27
C PRO B 23 27.96 -4.32 10.71
N GLN B 24 28.50 -4.66 9.55
CA GLN B 24 28.27 -5.98 8.97
C GLN B 24 28.86 -7.07 9.87
N LYS B 25 30.15 -6.94 10.20
CA LYS B 25 30.77 -7.91 11.09
C LYS B 25 30.15 -7.85 12.48
N ALA B 26 29.72 -6.67 12.92
CA ALA B 26 29.09 -6.55 14.22
C ALA B 26 27.81 -7.38 14.30
N TYR B 27 26.96 -7.27 13.28
CA TYR B 27 25.74 -8.07 13.24
C TYR B 27 26.06 -9.56 13.11
N LEU B 28 27.02 -9.90 12.24
CA LEU B 28 27.33 -11.30 12.00
C LEU B 28 27.93 -11.96 13.24
N ASP B 29 28.83 -11.27 13.93
CA ASP B 29 29.38 -11.80 15.18
C ASP B 29 28.29 -11.96 16.23
N PHE B 30 27.29 -11.06 16.22
CA PHE B 30 26.21 -11.14 17.21
C PHE B 30 25.34 -12.37 16.98
N VAL B 31 24.92 -12.60 15.74
CA VAL B 31 24.03 -13.74 15.47
C VAL B 31 24.79 -15.05 15.60
N ASN B 32 26.06 -15.07 15.20
CA ASN B 32 26.86 -16.30 15.29
C ASN B 32 27.13 -16.70 16.74
N ALA B 33 27.06 -15.75 17.68
CA ALA B 33 27.23 -16.05 19.08
C ALA B 33 25.92 -16.32 19.80
N GLY B 34 24.85 -16.57 19.05
CA GLY B 34 23.55 -16.85 19.64
C GLY B 34 22.64 -15.65 19.79
N GLY B 35 23.06 -14.47 19.31
CA GLY B 35 22.20 -13.30 19.42
C GLY B 35 20.92 -13.46 18.64
N ALA B 36 19.86 -12.84 19.16
CA ALA B 36 18.54 -12.97 18.57
C ALA B 36 18.52 -12.37 17.15
N PRO B 37 18.17 -13.15 16.13
CA PRO B 37 18.11 -12.59 14.77
C PRO B 37 17.12 -11.45 14.69
N LEU B 38 17.42 -10.49 13.81
CA LEU B 38 16.52 -9.38 13.56
C LEU B 38 15.23 -9.88 12.89
N THR B 39 14.10 -9.45 13.41
CA THR B 39 12.79 -9.89 12.93
C THR B 39 12.11 -8.75 12.19
N ASN B 40 10.80 -8.91 11.95
CA ASN B 40 9.94 -7.90 11.33
C ASN B 40 10.36 -7.57 9.90
N CYS B 41 11.08 -8.47 9.24
CA CYS B 41 11.36 -8.31 7.82
C CYS B 41 10.09 -8.58 7.00
N VAL B 42 9.94 -7.83 5.90
CA VAL B 42 8.68 -7.81 5.14
C VAL B 42 8.73 -8.98 4.15
N LYS B 43 8.14 -10.10 4.57
CA LYS B 43 8.03 -11.27 3.70
C LYS B 43 6.84 -11.11 2.77
N MET B 44 7.09 -11.21 1.47
CA MET B 44 6.04 -11.07 0.47
C MET B 44 5.40 -12.43 0.19
N LEU B 45 4.18 -12.38 -0.35
CA LEU B 45 3.50 -13.56 -0.87
C LEU B 45 3.62 -13.57 -2.38
N THR B 46 4.17 -14.66 -2.92
CA THR B 46 4.58 -14.72 -4.32
C THR B 46 4.16 -16.04 -4.94
N PRO B 47 3.77 -16.03 -6.21
CA PRO B 47 3.73 -17.29 -6.96
C PRO B 47 5.14 -17.80 -7.17
N LYS B 48 5.52 -18.84 -6.45
CA LYS B 48 6.91 -19.30 -6.46
C LYS B 48 7.29 -19.89 -7.82
N THR B 49 7.15 -19.08 -8.87
CA THR B 49 7.48 -19.43 -10.25
C THR B 49 8.46 -18.42 -10.84
N GLY B 50 9.31 -17.82 -9.99
CA GLY B 50 10.23 -16.80 -10.44
C GLY B 50 11.52 -17.36 -10.99
N THR B 51 12.40 -16.44 -11.41
CA THR B 51 13.67 -16.85 -11.99
C THR B 51 14.63 -17.37 -10.93
N GLY B 52 14.67 -16.72 -9.76
CA GLY B 52 15.56 -17.11 -8.69
C GLY B 52 16.77 -16.21 -8.47
N ILE B 53 16.86 -15.09 -9.18
CA ILE B 53 18.00 -14.20 -9.00
C ILE B 53 17.99 -13.60 -7.59
N ALA B 54 19.14 -13.05 -7.19
CA ALA B 54 19.29 -12.51 -5.85
C ALA B 54 18.39 -11.30 -5.63
N ILE B 55 18.59 -10.25 -6.42
CA ILE B 55 17.84 -9.00 -6.28
C ILE B 55 17.09 -8.74 -7.59
N SER B 56 15.82 -8.36 -7.46
CA SER B 56 14.97 -8.18 -8.63
C SER B 56 13.99 -7.05 -8.38
N VAL B 57 13.50 -6.46 -9.48
CA VAL B 57 12.54 -5.37 -9.37
C VAL B 57 11.15 -5.88 -8.99
N LYS B 58 10.83 -7.11 -9.39
CA LYS B 58 9.63 -7.80 -8.97
C LYS B 58 10.03 -9.11 -8.29
N PRO B 59 9.17 -9.67 -7.43
CA PRO B 59 9.52 -10.93 -6.76
C PRO B 59 9.84 -12.04 -7.75
N GLU B 60 10.90 -12.79 -7.46
CA GLU B 60 11.39 -13.83 -8.35
C GLU B 60 11.74 -15.11 -7.57
N SER B 61 10.91 -15.45 -6.60
CA SER B 61 11.19 -16.61 -5.75
C SER B 61 10.91 -17.92 -6.48
N THR B 62 11.77 -18.89 -6.28
CA THR B 62 11.51 -20.27 -6.69
C THR B 62 10.72 -20.97 -5.59
N ALA B 63 10.44 -22.27 -5.77
CA ALA B 63 9.81 -23.04 -4.72
C ALA B 63 10.71 -23.21 -3.50
N ASP B 64 12.02 -22.99 -3.65
CA ASP B 64 12.96 -23.08 -2.55
C ASP B 64 13.37 -21.71 -2.02
N GLN B 65 12.60 -20.67 -2.33
CA GLN B 65 12.94 -19.31 -1.96
C GLN B 65 11.77 -18.62 -1.29
N GLU B 66 12.08 -17.50 -0.63
CA GLU B 66 11.09 -16.53 -0.17
C GLU B 66 11.56 -15.14 -0.57
N THR B 67 10.61 -14.29 -0.91
CA THR B 67 10.92 -12.93 -1.37
C THR B 67 10.61 -11.94 -0.26
N TYR B 68 11.55 -11.02 -0.02
CA TYR B 68 11.40 -9.99 0.98
C TYR B 68 11.50 -8.62 0.34
N GLY B 69 10.80 -7.64 0.93
CA GLY B 69 11.01 -6.26 0.58
C GLY B 69 12.44 -5.87 0.87
N GLY B 70 13.11 -5.24 -0.11
CA GLY B 70 14.56 -5.07 -0.01
C GLY B 70 14.99 -4.23 1.17
N ALA B 71 14.28 -3.13 1.43
CA ALA B 71 14.70 -2.24 2.52
C ALA B 71 14.63 -2.93 3.88
N SER B 72 13.67 -3.86 4.05
CA SER B 72 13.49 -4.49 5.35
C SER B 72 14.58 -5.52 5.67
N VAL B 73 15.34 -5.99 4.68
CA VAL B 73 16.40 -6.95 4.92
C VAL B 73 17.78 -6.30 4.83
N CYS B 74 17.85 -5.00 4.60
CA CYS B 74 19.11 -4.27 4.56
C CYS B 74 19.43 -3.74 5.95
N LEU B 75 20.58 -4.14 6.49
CA LEU B 75 20.97 -3.71 7.84
C LEU B 75 21.09 -2.20 7.92
N TYR B 76 21.63 -1.57 6.88
CA TYR B 76 21.85 -0.13 6.91
C TYR B 76 20.56 0.65 6.81
N CYS B 77 19.54 0.11 6.12
CA CYS B 77 18.23 0.75 6.11
C CYS B 77 17.54 0.58 7.46
N ARG B 78 17.56 -0.63 8.01
CA ARG B 78 16.86 -0.91 9.26
C ARG B 78 17.48 -0.15 10.43
N ALA B 79 18.81 -0.06 10.47
CA ALA B 79 19.50 0.64 11.54
C ALA B 79 19.63 2.14 11.28
N HIS B 80 19.23 2.60 10.10
CA HIS B 80 19.30 4.02 9.73
C HIS B 80 20.74 4.54 9.83
N ILE B 81 21.67 3.78 9.26
CA ILE B 81 23.07 4.15 9.22
C ILE B 81 23.50 4.27 7.76
N GLU B 82 24.70 4.84 7.57
CA GLU B 82 25.17 5.13 6.22
C GLU B 82 25.49 3.85 5.47
N HIS B 83 25.04 3.77 4.21
CA HIS B 83 25.31 2.61 3.39
C HIS B 83 26.77 2.59 2.95
N PRO B 84 27.38 1.40 2.84
CA PRO B 84 28.79 1.31 2.46
C PRO B 84 29.04 1.41 0.97
N ASP B 85 27.99 1.38 0.15
CA ASP B 85 28.17 1.41 -1.30
C ASP B 85 28.84 2.70 -1.74
N VAL B 86 29.81 2.58 -2.65
CA VAL B 86 30.53 3.74 -3.15
C VAL B 86 29.58 4.74 -3.80
N SER B 87 28.53 4.25 -4.45
CA SER B 87 27.55 5.14 -5.07
C SER B 87 26.65 5.82 -4.05
N GLY B 88 26.60 5.30 -2.82
CA GLY B 88 25.67 5.80 -1.83
C GLY B 88 24.25 5.31 -2.00
N VAL B 89 23.99 4.46 -2.98
CA VAL B 89 22.65 3.94 -3.25
C VAL B 89 22.57 2.53 -2.69
N CYS B 90 21.53 2.27 -1.90
CA CYS B 90 21.30 0.93 -1.39
C CYS B 90 20.97 -0.02 -2.54
N LYS B 91 21.48 -1.25 -2.45
CA LYS B 91 21.24 -2.24 -3.49
C LYS B 91 19.90 -2.94 -3.32
N TYR B 92 19.32 -2.92 -2.13
CA TYR B 92 18.06 -3.61 -1.86
C TYR B 92 16.85 -2.68 -1.88
N LYS B 93 17.01 -1.45 -1.40
CA LYS B 93 15.87 -0.56 -1.18
C LYS B 93 15.13 -0.30 -2.49
N GLY B 94 13.80 -0.42 -2.43
CA GLY B 94 12.97 -0.29 -3.61
C GLY B 94 12.90 -1.52 -4.48
N LYS B 95 13.65 -2.57 -4.17
CA LYS B 95 13.67 -3.81 -4.92
C LYS B 95 13.29 -4.96 -4.01
N PHE B 96 13.29 -6.17 -4.56
CA PHE B 96 12.96 -7.38 -3.83
C PHE B 96 14.17 -8.30 -3.79
N VAL B 97 14.35 -8.98 -2.65
CA VAL B 97 15.51 -9.83 -2.42
C VAL B 97 15.02 -11.24 -2.17
N GLN B 98 15.52 -12.19 -2.96
CA GLN B 98 15.16 -13.59 -2.82
C GLN B 98 16.13 -14.29 -1.88
N ILE B 99 15.59 -15.11 -0.98
CA ILE B 99 16.39 -15.73 0.07
C ILE B 99 16.06 -17.21 0.12
N PRO B 100 17.07 -18.09 0.22
CA PRO B 100 16.79 -19.53 0.33
C PRO B 100 15.87 -19.82 1.50
N ALA B 101 14.97 -20.79 1.29
CA ALA B 101 13.95 -21.08 2.28
C ALA B 101 14.55 -21.55 3.61
N GLN B 102 15.75 -22.13 3.59
CA GLN B 102 16.35 -22.64 4.81
C GLN B 102 16.94 -21.55 5.68
N CYS B 103 17.25 -20.39 5.10
CA CYS B 103 17.86 -19.27 5.81
C CYS B 103 16.84 -18.18 6.15
N VAL B 104 15.55 -18.51 6.13
CA VAL B 104 14.49 -17.55 6.43
C VAL B 104 14.56 -17.08 7.88
N ARG B 105 15.16 -17.88 8.76
CA ARG B 105 15.26 -17.51 10.16
C ARG B 105 16.03 -16.20 10.36
N ASP B 106 16.93 -15.87 9.43
CA ASP B 106 17.73 -14.66 9.54
C ASP B 106 18.00 -14.10 8.15
N PRO B 107 17.02 -13.37 7.61
CA PRO B 107 17.20 -12.75 6.29
C PRO B 107 18.33 -11.74 6.25
N VAL B 108 18.49 -10.93 7.30
CA VAL B 108 19.48 -9.86 7.27
C VAL B 108 20.89 -10.44 7.26
N GLY B 109 21.15 -11.40 8.14
CA GLY B 109 22.48 -12.00 8.20
C GLY B 109 22.85 -12.78 6.96
N PHE B 110 21.86 -13.31 6.23
CA PHE B 110 22.16 -14.02 5.00
C PHE B 110 22.70 -13.07 3.94
N CYS B 111 22.04 -11.93 3.75
CA CYS B 111 22.48 -10.95 2.76
C CYS B 111 23.82 -10.35 3.15
N LEU B 112 24.06 -10.19 4.45
CA LEU B 112 25.37 -9.76 4.92
C LEU B 112 26.44 -10.84 4.74
N SER B 113 26.04 -12.09 4.58
CA SER B 113 26.97 -13.20 4.49
C SER B 113 27.21 -13.68 3.06
N ASN B 114 26.51 -13.11 2.07
CA ASN B 114 26.58 -13.62 0.71
C ASN B 114 26.63 -12.46 -0.27
N THR B 115 26.93 -12.80 -1.53
CA THR B 115 27.10 -11.81 -2.58
C THR B 115 26.55 -12.38 -3.89
N PRO B 116 25.73 -11.63 -4.61
CA PRO B 116 25.28 -12.11 -5.93
C PRO B 116 26.43 -12.17 -6.92
N CYS B 117 26.35 -13.14 -7.82
CA CYS B 117 27.35 -13.31 -8.86
C CYS B 117 27.37 -12.09 -9.78
N ASN B 118 28.56 -11.57 -10.06
CA ASN B 118 28.68 -10.35 -10.85
C ASN B 118 28.14 -10.55 -12.25
N VAL B 119 28.62 -11.58 -12.95
CA VAL B 119 28.18 -11.86 -14.31
C VAL B 119 26.85 -12.57 -14.38
N CYS B 120 26.36 -13.09 -13.24
CA CYS B 120 25.26 -14.05 -13.23
C CYS B 120 24.06 -13.61 -12.40
N GLN B 121 24.26 -12.74 -11.41
CA GLN B 121 23.22 -12.11 -10.59
C GLN B 121 22.53 -13.08 -9.63
N TYR B 122 22.91 -14.35 -9.61
CA TYR B 122 22.38 -15.29 -8.62
C TYR B 122 23.31 -15.32 -7.42
N TRP B 123 22.75 -15.73 -6.27
CA TRP B 123 23.56 -15.88 -5.07
C TRP B 123 24.65 -16.91 -5.30
N ILE B 124 25.91 -16.52 -5.07
CA ILE B 124 27.00 -17.46 -5.17
C ILE B 124 26.83 -18.53 -4.09
N GLY B 125 26.85 -19.79 -4.51
CA GLY B 125 26.55 -20.89 -3.63
C GLY B 125 25.07 -21.20 -3.49
N TYR B 126 24.19 -20.30 -3.92
CA TYR B 126 22.75 -20.50 -3.87
C TYR B 126 22.11 -20.10 -5.19
N GLY B 127 22.60 -20.66 -6.28
CA GLY B 127 22.05 -20.38 -7.59
C GLY B 127 23.08 -20.20 -8.69
N CYS B 128 24.19 -19.54 -8.38
CA CYS B 128 25.19 -19.25 -9.39
C CYS B 128 25.84 -20.54 -9.86
N ASN B 129 25.95 -20.70 -11.19
CA ASN B 129 26.48 -21.91 -11.80
C ASN B 129 27.61 -21.60 -12.76
N CYS B 130 28.39 -20.56 -12.47
CA CYS B 130 29.49 -20.17 -13.34
C CYS B 130 30.79 -20.85 -12.93
PA GTG C . -13.52 2.65 15.05
O1A GTG C . -14.18 3.39 13.93
O2A GTG C . -12.08 2.32 15.10
O3A GTG C . -13.76 1.33 14.12
PB GTG C . -13.47 -0.25 14.54
O1B GTG C . -12.79 -0.51 15.83
O2B GTG C . -13.64 -1.28 13.46
O3B GTG C . -11.98 -0.04 13.89
N9A GTG C . -17.07 -0.70 17.76
C8A GTG C . -16.87 -0.50 16.45
N7A GTG C . -17.31 -1.57 15.82
C7X GTG C . -17.23 -1.69 14.35
C5A GTG C . -17.79 -2.44 16.71
C6A GTG C . -18.35 -3.65 16.60
O6A GTG C . -18.49 -4.20 15.50
N1A GTG C . -18.77 -4.32 17.74
C2A GTG C . -18.60 -3.71 18.97
N2A GTG C . -18.99 -4.33 20.08
N3A GTG C . -18.04 -2.50 19.04
C4A GTG C . -17.64 -1.88 17.91
O5D GTG C . -14.48 1.99 16.17
C5D GTG C . -14.63 2.75 17.38
C4D GTG C . -15.21 1.89 18.51
O4D GTG C . -16.58 1.52 18.23
C3D GTG C . -14.50 0.57 18.56
O3D GTG C . -13.18 0.72 19.10
C2D GTG C . -15.42 -0.09 19.55
O2D GTG C . -15.36 0.63 20.78
C1D GTG C . -16.76 0.22 18.86
PG GTG C . -10.82 -1.20 14.15
O1G GTG C . -9.89 -0.99 15.28
O2G GTG C . -10.57 -2.20 13.07
O5E GTG C . -9.87 -0.19 13.31
C5E GTG C . -9.65 -0.30 11.88
C4E GTG C . -8.23 0.18 11.57
O4E GTG C . -7.82 1.16 12.53
C3E GTG C . -7.24 -0.95 11.80
O3E GTG C . -6.89 -1.55 10.54
C2E GTG C . -6.07 -0.22 12.44
O2E GTG C . -4.80 -0.53 11.81
C1E GTG C . -6.42 1.23 12.30
N9B GTG C . -5.92 1.89 13.49
C8B GTG C . -6.70 1.65 14.70
N7B GTG C . -5.75 1.99 15.73
C5B GTG C . -4.79 2.72 15.17
C6B GTG C . -3.83 3.41 15.77
O6B GTG C . -3.77 3.45 17.00
N1B GTG C . -2.90 4.11 15.01
C2B GTG C . -3.00 4.04 13.62
N2B GTG C . -2.13 4.70 12.86
N3B GTG C . -3.98 3.32 13.07
C4B GTG C . -4.88 2.67 13.83
ZN ZN D . 19.68 -0.14 2.53
ZN ZN E . 26.94 -16.78 -11.65
#